data_1E7Y
#
_entry.id   1E7Y
#
_cell.length_a   129.000
_cell.length_b   44.000
_cell.length_c   91.100
_cell.angle_alpha   90.00
_cell.angle_beta   105.20
_cell.angle_gamma   90.00
#
_symmetry.space_group_name_H-M   'C 1 2 1'
#
loop_
_entity.id
_entity.type
_entity.pdbx_description
1 polymer 'GLUCOSE 6-PHOSPHATE 1-DEHYDROGENASE'
2 non-polymer 6-O-phosphono-beta-D-glucopyranose
3 non-polymer 'CALCIUM ION'
4 non-polymer 'NADPH DIHYDRO-NICOTINAMIDE-ADENINE-DINUCLEOTIDE PHOSPHATE'
5 water water
#
_entity_poly.entity_id   1
_entity_poly.type   'polypeptide(L)'
_entity_poly.pdbx_seq_one_letter_code
;VSEIKTLVTFFGGTGDLAKRKLYPSVFNLYKKGYLQKHFAIVGTARQALNDDEFKQLVRDSIKDFTDDQAQAEAFIEHFS
YRAHDVTDAASYAVLKEAIEEAADKFDIDGNRIFYMSVAPRFFGTIAKYLKSEGLLADTGYNRLMIEKPFGTSYDTAAEL
QNDLENAFDDNQLFRINHYLGKEMVQNIAALRFGNPIFDAAWNKDYIKNVQVTLSEVLGVEERAGYYDTAGALLDMIQNH
TMQIVGWLAMEKPESFTDKDIRAAKNAAFNALKIYDEAEVNKYFVRAQYGAGDSADFKPYLEELDVPADSKNNTFIAGEL
QFDLPRWEGVPFYVRSGKRLAAKQTRVDIVFKAGTFNFGSEQEAQEAVLSIIIDPKGAIELKLNAKSVEDAFNTRTIDLG
WTVSDEDKKNTPEPYERMIHDTMNGDGSNFADWNGVSIAWKFVDAISAVYTADKAPLETYKSGSMGPEASDKLLAANGDA
WVFKG
;
_entity_poly.pdbx_strand_id   A
#
loop_
_chem_comp.id
_chem_comp.type
_chem_comp.name
_chem_comp.formula
BG6 D-saccharide, beta linking 6-O-phosphono-beta-D-glucopyranose 'C6 H13 O9 P'
CA non-polymer 'CALCIUM ION' 'Ca 2'
NDP non-polymer 'NADPH DIHYDRO-NICOTINAMIDE-ADENINE-DINUCLEOTIDE PHOSPHATE' 'C21 H30 N7 O17 P3'
#
# COMPACT_ATOMS: atom_id res chain seq x y z
N VAL A 1 -24.78 5.38 -15.06
CA VAL A 1 -23.56 4.52 -14.94
C VAL A 1 -24.01 3.07 -15.05
N SER A 2 -23.07 2.15 -15.28
CA SER A 2 -23.40 0.73 -15.36
C SER A 2 -23.53 0.18 -13.93
N GLU A 3 -24.69 -0.39 -13.64
CA GLU A 3 -24.98 -0.96 -12.32
C GLU A 3 -24.04 -2.09 -11.93
N ILE A 4 -23.56 -2.07 -10.69
CA ILE A 4 -22.69 -3.10 -10.16
C ILE A 4 -23.60 -4.01 -9.31
N LYS A 5 -23.81 -5.23 -9.79
CA LYS A 5 -24.64 -6.21 -9.10
C LYS A 5 -23.71 -7.15 -8.34
N THR A 6 -23.61 -6.93 -7.02
CA THR A 6 -22.73 -7.71 -6.17
C THR A 6 -23.34 -7.85 -4.75
N LEU A 7 -22.78 -8.77 -3.97
CA LEU A 7 -23.22 -9.02 -2.60
C LEU A 7 -21.95 -9.14 -1.77
N VAL A 8 -21.78 -8.26 -0.79
CA VAL A 8 -20.58 -8.26 0.04
C VAL A 8 -20.87 -8.68 1.48
N THR A 9 -20.08 -9.62 1.99
CA THR A 9 -20.21 -10.11 3.37
C THR A 9 -19.02 -9.62 4.16
N PHE A 10 -19.28 -8.76 5.14
CA PHE A 10 -18.21 -8.20 5.96
C PHE A 10 -17.93 -8.93 7.28
N PHE A 11 -16.88 -9.73 7.29
CA PHE A 11 -16.48 -10.44 8.49
C PHE A 11 -15.78 -9.40 9.35
N GLY A 12 -16.28 -9.18 10.55
CA GLY A 12 -15.71 -8.17 11.43
C GLY A 12 -16.45 -6.89 11.14
N GLY A 13 -17.74 -7.03 10.85
CA GLY A 13 -18.59 -5.89 10.51
C GLY A 13 -18.99 -4.94 11.62
N THR A 14 -18.45 -5.14 12.81
CA THR A 14 -18.73 -4.27 13.95
C THR A 14 -17.44 -3.54 14.32
N GLY A 15 -16.34 -4.02 13.75
CA GLY A 15 -15.04 -3.46 14.03
C GLY A 15 -14.83 -2.01 13.62
N ASP A 16 -13.77 -1.43 14.15
CA ASP A 16 -13.41 -0.04 13.89
C ASP A 16 -13.25 0.23 12.39
N LEU A 17 -12.54 -0.65 11.70
CA LEU A 17 -12.31 -0.49 10.26
C LEU A 17 -13.59 -0.43 9.44
N ALA A 18 -14.52 -1.34 9.74
CA ALA A 18 -15.78 -1.37 9.02
C ALA A 18 -16.51 -0.05 9.19
N LYS A 19 -16.48 0.48 10.40
CA LYS A 19 -17.14 1.73 10.71
C LYS A 19 -16.43 2.96 10.14
N ARG A 20 -15.10 2.99 10.22
CA ARG A 20 -14.34 4.11 9.70
C ARG A 20 -14.17 4.17 8.19
N LYS A 21 -13.78 3.06 7.58
CA LYS A 21 -13.54 3.02 6.14
C LYS A 21 -14.51 2.24 5.27
N LEU A 22 -14.65 0.95 5.55
CA LEU A 22 -15.50 0.07 4.76
C LEU A 22 -16.89 0.56 4.40
N TYR A 23 -17.76 0.72 5.38
CA TYR A 23 -19.14 1.14 5.10
C TYR A 23 -19.26 2.47 4.36
N PRO A 24 -18.59 3.53 4.85
CA PRO A 24 -18.72 4.78 4.10
C PRO A 24 -18.26 4.64 2.63
N SER A 25 -17.19 3.87 2.40
CA SER A 25 -16.68 3.67 1.04
C SER A 25 -17.75 3.03 0.16
N VAL A 26 -18.54 2.13 0.75
CA VAL A 26 -19.61 1.46 0.02
C VAL A 26 -20.72 2.47 -0.25
N PHE A 27 -20.98 3.35 0.72
CA PHE A 27 -22.01 4.37 0.59
C PHE A 27 -21.65 5.31 -0.55
N ASN A 28 -20.37 5.64 -0.65
CA ASN A 28 -19.92 6.52 -1.71
C ASN A 28 -20.23 5.89 -3.05
N LEU A 29 -19.99 4.59 -3.17
CA LEU A 29 -20.26 3.86 -4.41
C LEU A 29 -21.74 3.83 -4.75
N TYR A 30 -22.56 3.99 -3.73
CA TYR A 30 -24.01 4.01 -3.90
C TYR A 30 -24.42 5.43 -4.35
N LYS A 31 -23.87 6.44 -3.68
CA LYS A 31 -24.16 7.84 -3.99
C LYS A 31 -23.77 8.15 -5.44
N LYS A 32 -22.67 7.55 -5.89
CA LYS A 32 -22.18 7.74 -7.25
C LYS A 32 -23.00 6.95 -8.28
N GLY A 33 -24.11 6.36 -7.84
CA GLY A 33 -24.97 5.59 -8.73
C GLY A 33 -24.45 4.24 -9.19
N TYR A 34 -23.36 3.75 -8.60
CA TYR A 34 -22.81 2.44 -9.00
C TYR A 34 -23.64 1.29 -8.42
N LEU A 35 -23.87 1.32 -7.13
CA LEU A 35 -24.68 0.31 -6.47
C LEU A 35 -26.10 0.87 -6.49
N GLN A 36 -27.02 0.14 -7.12
CA GLN A 36 -28.40 0.59 -7.22
C GLN A 36 -29.40 -0.33 -6.50
N LYS A 37 -30.06 -1.22 -7.24
CA LYS A 37 -31.03 -2.14 -6.64
C LYS A 37 -30.45 -3.52 -6.29
N HIS A 38 -29.82 -4.15 -7.28
CA HIS A 38 -29.27 -5.49 -7.10
C HIS A 38 -27.96 -5.61 -6.35
N PHE A 39 -28.00 -5.31 -5.05
CA PHE A 39 -26.82 -5.42 -4.21
C PHE A 39 -27.24 -5.55 -2.75
N ALA A 40 -26.42 -6.21 -1.94
CA ALA A 40 -26.73 -6.38 -0.54
C ALA A 40 -25.43 -6.47 0.25
N ILE A 41 -25.48 -6.03 1.50
CA ILE A 41 -24.34 -6.05 2.38
C ILE A 41 -24.69 -6.83 3.65
N VAL A 42 -24.02 -7.96 3.87
CA VAL A 42 -24.28 -8.76 5.06
C VAL A 42 -23.13 -8.59 6.06
N GLY A 43 -23.43 -7.97 7.19
CA GLY A 43 -22.42 -7.78 8.21
C GLY A 43 -22.39 -8.99 9.13
N THR A 44 -21.24 -9.29 9.71
CA THR A 44 -21.12 -10.43 10.60
C THR A 44 -19.95 -10.30 11.57
N ALA A 45 -20.15 -10.82 12.78
CA ALA A 45 -19.19 -10.82 13.87
C ALA A 45 -19.84 -11.69 14.94
N ARG A 46 -19.12 -11.99 16.02
CA ARG A 46 -19.65 -12.82 17.11
C ARG A 46 -20.78 -12.11 17.85
N GLN A 47 -20.50 -10.88 18.29
CA GLN A 47 -21.46 -10.06 19.02
C GLN A 47 -22.84 -10.11 18.37
N ALA A 48 -23.88 -10.30 19.18
CA ALA A 48 -25.23 -10.37 18.65
C ALA A 48 -25.85 -8.98 18.55
N LEU A 49 -26.51 -8.73 17.43
CA LEU A 49 -27.19 -7.47 17.16
C LEU A 49 -28.30 -7.82 16.18
N ASN A 50 -29.50 -7.34 16.43
CA ASN A 50 -30.60 -7.63 15.51
C ASN A 50 -30.52 -6.58 14.39
N ASP A 51 -31.12 -6.88 13.24
CA ASP A 51 -31.08 -5.96 12.11
C ASP A 51 -31.26 -4.49 12.48
N ASP A 52 -32.22 -4.18 13.34
CA ASP A 52 -32.46 -2.79 13.74
C ASP A 52 -31.22 -2.18 14.40
N GLU A 53 -30.54 -2.96 15.25
CA GLU A 53 -29.34 -2.50 15.95
C GLU A 53 -28.15 -2.35 15.01
N PHE A 54 -28.05 -3.24 14.04
CA PHE A 54 -26.94 -3.20 13.09
C PHE A 54 -27.06 -2.00 12.18
N LYS A 55 -28.25 -1.79 11.64
CA LYS A 55 -28.49 -0.67 10.74
C LYS A 55 -28.15 0.68 11.38
N GLN A 56 -28.27 0.78 12.70
CA GLN A 56 -27.92 2.01 13.40
C GLN A 56 -26.40 2.19 13.38
N LEU A 57 -25.68 1.08 13.55
CA LEU A 57 -24.22 1.09 13.52
C LEU A 57 -23.81 1.60 12.13
N VAL A 58 -24.51 1.09 11.11
CA VAL A 58 -24.25 1.48 9.73
C VAL A 58 -24.64 2.96 9.54
N ARG A 59 -25.74 3.38 10.17
CA ARG A 59 -26.23 4.75 10.09
C ARG A 59 -25.22 5.75 10.68
N ASP A 60 -24.63 5.40 11.82
CA ASP A 60 -23.63 6.26 12.46
C ASP A 60 -22.36 6.29 11.63
N SER A 61 -21.98 5.13 11.09
CA SER A 61 -20.78 4.97 10.28
C SER A 61 -20.77 5.97 9.12
N ILE A 62 -21.92 6.12 8.47
CA ILE A 62 -22.06 7.04 7.34
C ILE A 62 -22.74 8.37 7.69
N LYS A 63 -22.69 8.80 8.95
CA LYS A 63 -23.32 10.06 9.33
C LYS A 63 -22.58 11.28 8.75
N ASP A 64 -21.27 11.31 8.90
CA ASP A 64 -20.47 12.42 8.39
C ASP A 64 -20.38 12.46 6.86
N PHE A 65 -21.06 11.53 6.20
CA PHE A 65 -21.08 11.45 4.74
C PHE A 65 -22.50 11.59 4.23
N THR A 66 -23.44 11.72 5.17
CA THR A 66 -24.84 11.84 4.82
C THR A 66 -25.25 13.30 4.66
N ASP A 67 -25.78 13.62 3.49
CA ASP A 67 -26.27 14.97 3.22
C ASP A 67 -27.77 14.89 2.97
N ASP A 68 -28.21 13.76 2.42
CA ASP A 68 -29.61 13.51 2.15
C ASP A 68 -29.97 12.27 2.95
N GLN A 69 -30.76 12.46 4.01
CA GLN A 69 -31.16 11.35 4.87
C GLN A 69 -31.95 10.25 4.16
N ALA A 70 -32.84 10.64 3.25
CA ALA A 70 -33.65 9.68 2.51
C ALA A 70 -32.75 8.77 1.69
N GLN A 71 -31.65 9.32 1.21
CA GLN A 71 -30.68 8.55 0.42
C GLN A 71 -29.97 7.57 1.34
N ALA A 72 -29.63 8.02 2.55
CA ALA A 72 -28.98 7.17 3.53
C ALA A 72 -29.85 5.97 3.87
N GLU A 73 -31.13 6.22 4.14
CA GLU A 73 -32.06 5.15 4.48
C GLU A 73 -32.27 4.12 3.36
N ALA A 74 -32.36 4.58 2.13
CA ALA A 74 -32.54 3.70 0.97
C ALA A 74 -31.37 2.71 0.91
N PHE A 75 -30.20 3.21 1.27
CA PHE A 75 -28.95 2.45 1.28
C PHE A 75 -28.93 1.44 2.43
N ILE A 76 -29.36 1.89 3.62
CA ILE A 76 -29.39 1.04 4.80
C ILE A 76 -30.29 -0.18 4.64
N GLU A 77 -31.33 -0.06 3.82
CA GLU A 77 -32.25 -1.17 3.58
C GLU A 77 -31.59 -2.39 2.94
N HIS A 78 -30.35 -2.21 2.48
CA HIS A 78 -29.61 -3.29 1.83
C HIS A 78 -28.71 -4.02 2.80
N PHE A 79 -28.77 -3.64 4.07
CA PHE A 79 -27.95 -4.26 5.10
C PHE A 79 -28.68 -5.26 5.99
N SER A 80 -27.96 -6.31 6.36
CA SER A 80 -28.48 -7.36 7.24
C SER A 80 -27.32 -7.82 8.12
N TYR A 81 -27.63 -8.53 9.20
CA TYR A 81 -26.61 -8.97 10.13
C TYR A 81 -26.96 -10.34 10.69
N ARG A 82 -25.94 -11.06 11.17
CA ARG A 82 -26.09 -12.38 11.78
C ARG A 82 -24.92 -12.57 12.73
N ALA A 83 -25.21 -12.89 14.00
CA ALA A 83 -24.16 -13.12 14.98
C ALA A 83 -23.53 -14.45 14.54
N HIS A 84 -22.20 -14.57 14.66
CA HIS A 84 -21.54 -15.80 14.22
C HIS A 84 -20.07 -15.91 14.59
N ASP A 85 -19.67 -17.09 15.05
CA ASP A 85 -18.28 -17.35 15.41
C ASP A 85 -17.68 -18.05 14.19
N VAL A 86 -16.55 -17.53 13.72
CA VAL A 86 -15.89 -18.10 12.54
C VAL A 86 -15.30 -19.50 12.70
N THR A 87 -15.05 -19.92 13.94
CA THR A 87 -14.50 -21.24 14.21
C THR A 87 -15.59 -22.31 14.36
N ASP A 88 -16.86 -21.91 14.21
CA ASP A 88 -17.97 -22.82 14.34
C ASP A 88 -18.50 -23.24 12.98
N ALA A 89 -18.06 -24.40 12.52
CA ALA A 89 -18.45 -24.95 11.23
C ALA A 89 -19.97 -25.00 11.04
N ALA A 90 -20.68 -25.35 12.10
CA ALA A 90 -22.13 -25.46 12.04
C ALA A 90 -22.85 -24.13 11.92
N SER A 91 -22.30 -23.09 12.56
CA SER A 91 -22.87 -21.76 12.57
C SER A 91 -22.79 -21.06 11.19
N TYR A 92 -22.12 -21.70 10.24
CA TYR A 92 -21.96 -21.13 8.90
C TYR A 92 -23.23 -21.26 8.08
N ALA A 93 -24.10 -22.19 8.47
CA ALA A 93 -25.37 -22.40 7.77
C ALA A 93 -26.26 -21.17 8.00
N VAL A 94 -26.09 -20.56 9.17
CA VAL A 94 -26.85 -19.37 9.52
C VAL A 94 -26.46 -18.28 8.51
N LEU A 95 -25.15 -18.07 8.39
CA LEU A 95 -24.58 -17.08 7.48
C LEU A 95 -25.03 -17.33 6.04
N LYS A 96 -25.00 -18.60 5.62
CA LYS A 96 -25.42 -18.97 4.27
C LYS A 96 -26.88 -18.59 4.08
N GLU A 97 -27.67 -18.69 5.14
CA GLU A 97 -29.08 -18.33 5.09
C GLU A 97 -29.20 -16.85 4.76
N ALA A 98 -28.57 -16.01 5.58
CA ALA A 98 -28.59 -14.56 5.41
C ALA A 98 -28.18 -14.15 4.00
N ILE A 99 -27.05 -14.69 3.53
CA ILE A 99 -26.54 -14.39 2.21
C ILE A 99 -27.55 -14.75 1.13
N GLU A 100 -28.08 -15.97 1.18
CA GLU A 100 -29.06 -16.42 0.20
C GLU A 100 -30.38 -15.67 0.35
N GLU A 101 -30.64 -15.20 1.56
CA GLU A 101 -31.85 -14.44 1.85
C GLU A 101 -31.73 -13.12 1.09
N ALA A 102 -30.60 -12.45 1.30
CA ALA A 102 -30.29 -11.17 0.66
C ALA A 102 -30.26 -11.34 -0.85
N ALA A 103 -29.67 -12.43 -1.31
CA ALA A 103 -29.57 -12.73 -2.74
C ALA A 103 -30.95 -12.76 -3.40
N ASP A 104 -31.92 -13.35 -2.71
CA ASP A 104 -33.29 -13.42 -3.23
C ASP A 104 -33.97 -12.08 -3.11
N LYS A 105 -33.81 -11.44 -1.95
CA LYS A 105 -34.42 -10.14 -1.66
C LYS A 105 -34.09 -9.04 -2.67
N PHE A 106 -32.84 -8.99 -3.11
CA PHE A 106 -32.43 -7.98 -4.08
C PHE A 106 -32.16 -8.52 -5.48
N ASP A 107 -32.42 -9.81 -5.67
CA ASP A 107 -32.26 -10.46 -6.96
C ASP A 107 -30.83 -10.31 -7.48
N ILE A 108 -29.88 -10.84 -6.71
CA ILE A 108 -28.46 -10.80 -7.04
C ILE A 108 -28.04 -12.17 -7.55
N ASP A 109 -27.65 -12.23 -8.83
CA ASP A 109 -27.23 -13.50 -9.42
C ASP A 109 -25.75 -13.79 -9.16
N GLY A 110 -25.47 -14.42 -8.02
CA GLY A 110 -24.10 -14.75 -7.65
C GLY A 110 -23.32 -13.50 -7.29
N ASN A 111 -22.09 -13.41 -7.80
CA ASN A 111 -21.21 -12.25 -7.58
C ASN A 111 -21.03 -11.92 -6.10
N ARG A 112 -20.26 -12.74 -5.41
CA ARG A 112 -20.06 -12.53 -3.99
C ARG A 112 -18.63 -12.19 -3.58
N ILE A 113 -18.53 -11.21 -2.70
CA ILE A 113 -17.24 -10.77 -2.17
C ILE A 113 -17.29 -11.03 -0.67
N PHE A 114 -16.23 -11.62 -0.14
CA PHE A 114 -16.14 -11.91 1.28
C PHE A 114 -14.98 -11.09 1.81
N TYR A 115 -15.30 -10.04 2.57
CA TYR A 115 -14.28 -9.17 3.13
C TYR A 115 -13.93 -9.61 4.53
N MET A 116 -12.68 -10.01 4.73
CA MET A 116 -12.23 -10.46 6.03
C MET A 116 -11.59 -9.36 6.85
N SER A 117 -12.42 -8.56 7.50
CA SER A 117 -11.97 -7.47 8.36
C SER A 117 -11.85 -8.05 9.77
N VAL A 118 -11.05 -9.11 9.90
CA VAL A 118 -10.85 -9.79 11.18
C VAL A 118 -9.35 -10.06 11.36
N ALA A 119 -8.95 -10.43 12.57
CA ALA A 119 -7.55 -10.73 12.86
C ALA A 119 -7.05 -11.83 11.93
N PRO A 120 -5.76 -11.80 11.54
CA PRO A 120 -5.14 -12.79 10.64
C PRO A 120 -5.33 -14.26 10.99
N ARG A 121 -5.38 -14.57 12.28
CA ARG A 121 -5.57 -15.94 12.75
C ARG A 121 -6.85 -16.61 12.24
N PHE A 122 -7.79 -15.79 11.77
CA PHE A 122 -9.06 -16.29 11.25
C PHE A 122 -9.14 -16.41 9.73
N PHE A 123 -8.15 -15.84 9.03
CA PHE A 123 -8.14 -15.85 7.57
C PHE A 123 -8.34 -17.21 6.91
N GLY A 124 -7.45 -18.16 7.22
CA GLY A 124 -7.53 -19.49 6.65
C GLY A 124 -8.79 -20.25 7.01
N THR A 125 -9.16 -20.18 8.28
CA THR A 125 -10.35 -20.83 8.81
C THR A 125 -11.59 -20.39 8.02
N ILE A 126 -11.83 -19.09 8.01
CA ILE A 126 -12.96 -18.52 7.30
C ILE A 126 -13.02 -19.03 5.87
N ALA A 127 -11.86 -19.05 5.21
CA ALA A 127 -11.77 -19.50 3.82
C ALA A 127 -12.26 -20.94 3.64
N LYS A 128 -11.72 -21.85 4.44
CA LYS A 128 -12.10 -23.26 4.37
C LYS A 128 -13.62 -23.40 4.43
N TYR A 129 -14.22 -22.81 5.46
CA TYR A 129 -15.66 -22.89 5.66
C TYR A 129 -16.51 -22.18 4.62
N LEU A 130 -15.95 -21.20 3.91
CA LEU A 130 -16.71 -20.51 2.87
C LEU A 130 -16.95 -21.52 1.76
N LYS A 131 -15.98 -22.41 1.57
CA LYS A 131 -16.11 -23.43 0.55
C LYS A 131 -16.89 -24.65 1.05
N SER A 132 -16.44 -25.25 2.16
CA SER A 132 -17.08 -26.45 2.70
C SER A 132 -18.54 -26.33 3.13
N GLU A 133 -18.89 -25.21 3.76
CA GLU A 133 -20.25 -24.99 4.21
C GLU A 133 -21.14 -24.38 3.13
N GLY A 134 -20.64 -24.40 1.89
CA GLY A 134 -21.39 -23.88 0.76
C GLY A 134 -21.81 -22.43 0.69
N LEU A 135 -20.92 -21.50 1.05
CA LEU A 135 -21.24 -20.08 0.99
C LEU A 135 -20.88 -19.45 -0.36
N LEU A 136 -20.04 -20.15 -1.13
CA LEU A 136 -19.59 -19.67 -2.43
C LEU A 136 -20.66 -19.72 -3.50
N ALA A 137 -20.89 -18.60 -4.16
CA ALA A 137 -21.89 -18.52 -5.22
C ALA A 137 -21.64 -19.57 -6.31
N ASP A 138 -22.72 -20.12 -6.85
CA ASP A 138 -22.63 -21.12 -7.91
C ASP A 138 -22.69 -20.46 -9.29
N THR A 139 -22.91 -19.15 -9.29
CA THR A 139 -22.95 -18.37 -10.53
C THR A 139 -22.15 -17.08 -10.28
N GLY A 140 -21.91 -16.33 -11.35
CA GLY A 140 -21.14 -15.09 -11.21
C GLY A 140 -19.74 -15.38 -10.72
N TYR A 141 -19.26 -14.57 -9.79
CA TYR A 141 -17.92 -14.76 -9.26
C TYR A 141 -17.92 -14.84 -7.74
N ASN A 142 -16.76 -15.17 -7.18
CA ASN A 142 -16.56 -15.27 -5.73
C ASN A 142 -15.17 -14.69 -5.53
N ARG A 143 -15.07 -13.66 -4.71
CA ARG A 143 -13.78 -13.01 -4.47
C ARG A 143 -13.58 -12.76 -3.00
N LEU A 144 -12.34 -12.97 -2.55
CA LEU A 144 -11.99 -12.82 -1.15
C LEU A 144 -11.04 -11.66 -0.93
N MET A 145 -11.47 -10.68 -0.14
CA MET A 145 -10.65 -9.53 0.17
C MET A 145 -9.99 -9.79 1.52
N ILE A 146 -8.68 -9.98 1.49
CA ILE A 146 -7.89 -10.27 2.69
C ILE A 146 -7.28 -8.97 3.24
N GLU A 147 -7.53 -8.67 4.50
CA GLU A 147 -6.99 -7.45 5.09
C GLU A 147 -5.51 -7.63 5.50
N LYS A 148 -4.83 -6.51 5.73
CA LYS A 148 -3.44 -6.51 6.13
C LYS A 148 -3.35 -7.06 7.56
N PRO A 149 -2.28 -7.82 7.88
CA PRO A 149 -1.14 -8.23 7.06
C PRO A 149 -1.25 -9.65 6.50
N PHE A 150 -0.76 -9.82 5.27
CA PHE A 150 -0.76 -11.13 4.62
C PHE A 150 0.55 -11.80 5.02
N GLY A 151 0.55 -12.38 6.21
CA GLY A 151 1.73 -13.05 6.74
C GLY A 151 2.59 -12.08 7.53
N THR A 152 3.65 -12.59 8.14
CA THR A 152 4.60 -11.78 8.92
C THR A 152 6.01 -12.27 8.59
N SER A 153 6.08 -13.11 7.57
CA SER A 153 7.33 -13.69 7.09
C SER A 153 6.95 -14.49 5.86
N TYR A 154 7.92 -15.07 5.18
CA TYR A 154 7.61 -15.84 3.99
C TYR A 154 6.86 -17.12 4.35
N ASP A 155 7.31 -17.80 5.40
CA ASP A 155 6.70 -19.05 5.86
C ASP A 155 5.24 -18.86 6.18
N THR A 156 4.95 -17.90 7.07
CA THR A 156 3.57 -17.63 7.48
C THR A 156 2.74 -17.18 6.28
N ALA A 157 3.33 -16.34 5.44
CA ALA A 157 2.65 -15.86 4.24
C ALA A 157 2.33 -17.06 3.33
N ALA A 158 3.31 -17.95 3.17
CA ALA A 158 3.15 -19.13 2.33
C ALA A 158 2.09 -20.08 2.88
N GLU A 159 2.03 -20.24 4.21
CA GLU A 159 1.03 -21.09 4.86
C GLU A 159 -0.35 -20.50 4.56
N LEU A 160 -0.52 -19.22 4.85
CA LEU A 160 -1.77 -18.51 4.61
C LEU A 160 -2.22 -18.73 3.17
N GLN A 161 -1.30 -18.56 2.23
CA GLN A 161 -1.60 -18.76 0.81
C GLN A 161 -2.09 -20.17 0.54
N ASN A 162 -1.54 -21.16 1.25
CA ASN A 162 -1.96 -22.54 1.07
C ASN A 162 -3.39 -22.76 1.55
N ASP A 163 -3.69 -22.28 2.76
CA ASP A 163 -5.04 -22.40 3.32
C ASP A 163 -6.09 -21.75 2.42
N LEU A 164 -5.76 -20.58 1.86
CA LEU A 164 -6.67 -19.84 0.98
C LEU A 164 -6.85 -20.48 -0.38
N GLU A 165 -5.78 -21.06 -0.92
CA GLU A 165 -5.87 -21.70 -2.22
C GLU A 165 -6.69 -23.00 -2.20
N ASN A 166 -7.09 -23.40 -1.00
CA ASN A 166 -7.93 -24.60 -0.82
C ASN A 166 -9.35 -24.27 -1.25
N ALA A 167 -9.69 -22.99 -1.21
CA ALA A 167 -11.03 -22.55 -1.57
C ALA A 167 -11.08 -21.53 -2.72
N PHE A 168 -9.95 -20.88 -3.00
CA PHE A 168 -9.89 -19.87 -4.06
C PHE A 168 -8.64 -19.99 -4.92
N ASP A 169 -8.72 -19.45 -6.12
CA ASP A 169 -7.57 -19.42 -7.04
C ASP A 169 -6.94 -18.07 -6.71
N ASP A 170 -5.64 -17.90 -6.97
CA ASP A 170 -4.98 -16.64 -6.64
C ASP A 170 -5.62 -15.37 -7.25
N ASN A 171 -6.28 -15.52 -8.40
CA ASN A 171 -6.93 -14.39 -9.05
C ASN A 171 -8.24 -13.94 -8.38
N GLN A 172 -8.69 -14.70 -7.38
CA GLN A 172 -9.91 -14.36 -6.65
C GLN A 172 -9.53 -13.69 -5.34
N LEU A 173 -8.23 -13.70 -5.03
CA LEU A 173 -7.70 -13.14 -3.80
C LEU A 173 -7.24 -11.69 -3.93
N PHE A 174 -7.93 -10.80 -3.24
CA PHE A 174 -7.63 -9.37 -3.28
C PHE A 174 -7.09 -8.84 -1.96
N ARG A 175 -5.79 -8.99 -1.77
CA ARG A 175 -5.10 -8.51 -0.56
C ARG A 175 -5.12 -6.98 -0.50
N ILE A 176 -5.36 -6.45 0.69
CA ILE A 176 -5.43 -5.02 0.91
C ILE A 176 -4.07 -4.33 1.11
N ASN A 177 -3.78 -3.39 0.21
CA ASN A 177 -2.56 -2.58 0.27
C ASN A 177 -3.07 -1.18 -0.08
N HIS A 178 -3.37 -0.39 0.94
CA HIS A 178 -3.93 0.94 0.70
C HIS A 178 -3.05 1.93 -0.06
N TYR A 179 -1.74 1.70 -0.08
CA TYR A 179 -0.84 2.59 -0.82
C TYR A 179 -1.04 2.38 -2.31
N LEU A 180 -1.35 1.16 -2.72
CA LEU A 180 -1.59 0.86 -4.13
C LEU A 180 -2.91 1.51 -4.54
N GLY A 181 -3.76 1.76 -3.55
CA GLY A 181 -5.06 2.38 -3.79
C GLY A 181 -5.02 3.89 -3.91
N LYS A 182 -3.85 4.50 -3.66
CA LYS A 182 -3.69 5.95 -3.75
C LYS A 182 -3.59 6.45 -5.19
N GLU A 183 -4.51 7.34 -5.58
CA GLU A 183 -4.59 7.93 -6.92
C GLU A 183 -3.25 8.28 -7.59
N MET A 184 -2.38 8.98 -6.86
CA MET A 184 -1.08 9.36 -7.42
C MET A 184 -0.16 8.20 -7.78
N VAL A 185 -0.25 7.11 -7.02
CA VAL A 185 0.56 5.91 -7.27
C VAL A 185 0.18 5.28 -8.61
N GLN A 186 -1.07 5.45 -9.01
CA GLN A 186 -1.56 4.91 -10.28
C GLN A 186 -1.18 5.81 -11.47
N ASN A 187 -0.53 6.93 -11.18
CA ASN A 187 -0.10 7.85 -12.22
C ASN A 187 1.23 7.40 -12.83
N ILE A 188 2.04 6.70 -12.03
CA ILE A 188 3.33 6.21 -12.47
C ILE A 188 3.28 5.57 -13.86
N ALA A 189 2.36 4.63 -14.07
CA ALA A 189 2.23 3.96 -15.37
C ALA A 189 1.82 4.90 -16.49
N ALA A 190 0.93 5.84 -16.18
CA ALA A 190 0.46 6.82 -17.17
C ALA A 190 1.60 7.75 -17.61
N LEU A 191 2.35 8.26 -16.64
CA LEU A 191 3.47 9.16 -16.92
C LEU A 191 4.53 8.46 -17.75
N ARG A 192 4.92 7.27 -17.29
CA ARG A 192 5.93 6.47 -17.97
C ARG A 192 5.56 6.05 -19.38
N PHE A 193 4.59 5.16 -19.50
CA PHE A 193 4.17 4.64 -20.80
C PHE A 193 3.39 5.60 -21.66
N GLY A 194 2.83 6.64 -21.05
CA GLY A 194 2.05 7.60 -21.82
C GLY A 194 2.85 8.69 -22.49
N ASN A 195 4.13 8.83 -22.10
CA ASN A 195 5.01 9.84 -22.67
C ASN A 195 6.29 9.17 -23.15
N PRO A 196 6.41 8.93 -24.47
CA PRO A 196 7.62 8.28 -25.00
C PRO A 196 8.96 8.83 -24.50
N ILE A 197 9.04 10.13 -24.25
CA ILE A 197 10.29 10.73 -23.75
C ILE A 197 10.72 10.11 -22.42
N PHE A 198 9.73 9.68 -21.62
CA PHE A 198 10.00 9.06 -20.32
C PHE A 198 10.05 7.54 -20.47
N ASP A 199 9.15 6.99 -21.27
CA ASP A 199 9.11 5.56 -21.52
C ASP A 199 10.47 5.09 -22.03
N ALA A 200 10.99 5.77 -23.05
CA ALA A 200 12.28 5.41 -23.63
C ALA A 200 13.45 5.68 -22.67
N ALA A 201 13.23 6.51 -21.66
CA ALA A 201 14.29 6.83 -20.69
C ALA A 201 14.22 6.02 -19.40
N TRP A 202 13.19 5.21 -19.24
CA TRP A 202 13.01 4.40 -18.04
C TRP A 202 13.94 3.19 -18.01
N ASN A 203 15.25 3.44 -18.00
CA ASN A 203 16.24 2.37 -18.00
C ASN A 203 17.60 2.82 -17.47
N LYS A 204 18.55 1.90 -17.43
CA LYS A 204 19.92 2.16 -16.93
C LYS A 204 20.72 3.18 -17.73
N ASP A 205 20.39 3.34 -19.00
CA ASP A 205 21.10 4.29 -19.85
C ASP A 205 20.80 5.73 -19.46
N TYR A 206 19.58 5.98 -18.99
CA TYR A 206 19.17 7.33 -18.61
C TYR A 206 19.13 7.63 -17.12
N ILE A 207 18.62 6.68 -16.32
CA ILE A 207 18.49 6.89 -14.88
C ILE A 207 19.72 6.58 -14.06
N LYS A 208 20.01 7.46 -13.09
CA LYS A 208 21.15 7.32 -12.18
C LYS A 208 20.76 6.47 -10.94
N ASN A 209 19.57 6.74 -10.39
CA ASN A 209 19.04 6.03 -9.22
C ASN A 209 17.57 6.39 -9.04
N VAL A 210 16.82 5.53 -8.35
CA VAL A 210 15.40 5.75 -8.10
C VAL A 210 15.20 5.87 -6.60
N GLN A 211 14.32 6.77 -6.17
CA GLN A 211 14.09 6.97 -4.74
C GLN A 211 12.63 6.89 -4.33
N VAL A 212 12.33 6.11 -3.29
CA VAL A 212 10.97 5.98 -2.77
C VAL A 212 11.04 6.40 -1.30
N THR A 213 10.25 7.39 -0.94
CA THR A 213 10.24 7.92 0.43
C THR A 213 8.85 7.93 1.05
N LEU A 214 8.73 7.25 2.20
CA LEU A 214 7.48 7.19 2.95
C LEU A 214 7.83 7.81 4.30
N SER A 215 7.79 9.13 4.36
CA SER A 215 8.12 9.88 5.55
C SER A 215 6.89 10.22 6.36
N GLU A 216 7.00 10.06 7.69
CA GLU A 216 5.90 10.35 8.60
C GLU A 216 6.42 11.18 9.75
N VAL A 217 5.61 12.13 10.20
CA VAL A 217 6.00 12.99 11.29
C VAL A 217 5.50 12.40 12.62
N LEU A 218 4.53 11.50 12.55
CA LEU A 218 3.96 10.86 13.74
C LEU A 218 4.91 9.83 14.33
N GLY A 219 4.80 9.63 15.64
CA GLY A 219 5.62 8.65 16.32
C GLY A 219 4.77 7.39 16.42
N VAL A 220 5.19 6.42 17.23
CA VAL A 220 4.38 5.20 17.38
C VAL A 220 3.11 5.55 18.15
N GLU A 221 3.26 6.44 19.13
CA GLU A 221 2.17 6.96 19.95
C GLU A 221 1.20 5.93 20.53
N GLU A 222 0.26 5.51 19.70
CA GLU A 222 -0.80 4.60 20.07
C GLU A 222 -0.52 3.09 20.09
N ARG A 223 -0.19 2.54 18.92
CA ARG A 223 0.01 1.10 18.73
C ARG A 223 1.39 0.47 18.91
N ALA A 224 2.14 0.88 19.94
CA ALA A 224 3.47 0.34 20.18
C ALA A 224 3.50 -1.17 20.39
N GLY A 225 2.53 -1.70 21.14
CA GLY A 225 2.47 -3.14 21.39
C GLY A 225 2.64 -3.98 20.13
N TYR A 226 1.87 -3.67 19.10
CA TYR A 226 1.96 -4.39 17.84
C TYR A 226 3.21 -3.93 17.08
N TYR A 227 3.44 -2.61 17.05
CA TYR A 227 4.57 -2.02 16.33
C TYR A 227 5.96 -2.45 16.82
N ASP A 228 6.07 -2.89 18.06
CA ASP A 228 7.37 -3.28 18.60
C ASP A 228 7.96 -4.56 18.01
N THR A 229 7.12 -5.37 17.38
CA THR A 229 7.60 -6.62 16.76
C THR A 229 7.54 -6.52 15.24
N ALA A 230 6.90 -5.48 14.73
CA ALA A 230 6.80 -5.29 13.29
C ALA A 230 7.87 -4.32 12.79
N GLY A 231 7.94 -3.14 13.42
CA GLY A 231 8.90 -2.14 13.03
C GLY A 231 8.57 -1.54 11.68
N ALA A 232 9.41 -0.61 11.23
CA ALA A 232 9.23 0.05 9.94
C ALA A 232 9.36 -0.95 8.81
N LEU A 233 10.30 -1.87 8.99
CA LEU A 233 10.56 -2.93 8.00
C LEU A 233 9.30 -3.65 7.52
N LEU A 234 8.48 -4.13 8.45
CA LEU A 234 7.27 -4.83 8.05
C LEU A 234 6.04 -3.93 7.95
N ASP A 235 6.00 -2.88 8.77
CA ASP A 235 4.89 -1.95 8.78
C ASP A 235 4.77 -1.12 7.48
N MET A 236 5.90 -0.63 6.97
CA MET A 236 5.88 0.19 5.75
C MET A 236 6.71 -0.31 4.56
N ILE A 237 7.85 -0.93 4.83
CA ILE A 237 8.72 -1.40 3.75
C ILE A 237 8.21 -2.60 2.96
N GLN A 238 8.00 -3.73 3.65
CA GLN A 238 7.53 -4.98 3.04
C GLN A 238 6.27 -4.86 2.17
N ASN A 239 5.34 -4.03 2.62
CA ASN A 239 4.08 -3.88 1.91
C ASN A 239 3.97 -2.66 1.01
N HIS A 240 4.00 -1.48 1.61
CA HIS A 240 3.86 -0.22 0.89
C HIS A 240 4.99 0.10 -0.07
N THR A 241 6.19 0.18 0.46
CA THR A 241 7.37 0.49 -0.34
C THR A 241 7.58 -0.52 -1.47
N MET A 242 7.70 -1.81 -1.14
CA MET A 242 7.93 -2.84 -2.16
C MET A 242 6.96 -2.85 -3.33
N GLN A 243 5.69 -2.58 -3.08
CA GLN A 243 4.72 -2.60 -4.16
C GLN A 243 4.75 -1.35 -5.05
N ILE A 244 5.29 -0.25 -4.52
CA ILE A 244 5.44 0.98 -5.29
C ILE A 244 6.68 0.70 -6.15
N VAL A 245 7.74 0.21 -5.52
CA VAL A 245 8.97 -0.14 -6.25
C VAL A 245 8.62 -1.07 -7.42
N GLY A 246 7.58 -1.88 -7.26
CA GLY A 246 7.16 -2.80 -8.31
C GLY A 246 6.53 -2.10 -9.51
N TRP A 247 5.88 -0.97 -9.25
CA TRP A 247 5.26 -0.18 -10.31
C TRP A 247 6.34 0.55 -11.13
N LEU A 248 7.45 0.84 -10.48
CA LEU A 248 8.59 1.54 -11.08
C LEU A 248 9.55 0.61 -11.82
N ALA A 249 9.88 -0.52 -11.18
CA ALA A 249 10.80 -1.50 -11.74
C ALA A 249 10.25 -2.41 -12.84
N MET A 250 8.92 -2.54 -12.90
CA MET A 250 8.31 -3.41 -13.89
C MET A 250 8.80 -3.15 -15.30
N GLU A 251 8.85 -4.22 -16.09
CA GLU A 251 9.25 -4.13 -17.48
C GLU A 251 8.10 -3.43 -18.20
N LYS A 252 8.16 -3.35 -19.52
CA LYS A 252 7.05 -2.73 -20.23
C LYS A 252 6.14 -3.89 -20.63
N PRO A 253 4.88 -3.86 -20.18
CA PRO A 253 3.89 -4.91 -20.48
C PRO A 253 3.47 -5.07 -21.94
N GLU A 254 2.79 -6.17 -22.22
CA GLU A 254 2.30 -6.47 -23.57
C GLU A 254 1.02 -5.66 -23.80
N SER A 255 0.35 -5.33 -22.71
CA SER A 255 -0.87 -4.55 -22.77
C SER A 255 -1.08 -4.01 -21.36
N PHE A 256 -2.20 -3.35 -21.11
CA PHE A 256 -2.43 -2.80 -19.79
C PHE A 256 -3.43 -3.59 -18.95
N THR A 257 -3.54 -4.89 -19.20
CA THR A 257 -4.46 -5.71 -18.43
C THR A 257 -3.70 -6.14 -17.20
N ASP A 258 -4.42 -6.28 -16.07
CA ASP A 258 -3.81 -6.69 -14.81
C ASP A 258 -2.89 -7.90 -14.94
N LYS A 259 -3.18 -8.76 -15.90
CA LYS A 259 -2.39 -9.95 -16.15
C LYS A 259 -0.99 -9.60 -16.64
N ASP A 260 -0.91 -8.85 -17.74
CA ASP A 260 0.36 -8.42 -18.32
C ASP A 260 1.10 -7.46 -17.39
N ILE A 261 0.35 -6.61 -16.71
CA ILE A 261 0.94 -5.68 -15.75
C ILE A 261 1.70 -6.50 -14.71
N ARG A 262 1.00 -7.48 -14.12
CA ARG A 262 1.57 -8.35 -13.09
C ARG A 262 2.76 -9.16 -13.58
N ALA A 263 2.65 -9.64 -14.81
CA ALA A 263 3.73 -10.40 -15.42
C ALA A 263 4.97 -9.49 -15.46
N ALA A 264 4.80 -8.28 -15.97
CA ALA A 264 5.87 -7.29 -16.08
C ALA A 264 6.47 -6.98 -14.73
N LYS A 265 5.63 -6.76 -13.72
CA LYS A 265 6.09 -6.47 -12.37
C LYS A 265 6.89 -7.65 -11.82
N ASN A 266 6.41 -8.86 -12.09
CA ASN A 266 7.08 -10.08 -11.61
C ASN A 266 8.42 -10.28 -12.26
N ALA A 267 8.53 -9.82 -13.51
CA ALA A 267 9.79 -9.91 -14.25
C ALA A 267 10.89 -9.21 -13.45
N ALA A 268 10.52 -8.13 -12.77
CA ALA A 268 11.45 -7.37 -11.95
C ALA A 268 11.61 -8.02 -10.58
N PHE A 269 10.50 -8.40 -9.95
CA PHE A 269 10.55 -9.06 -8.63
C PHE A 269 11.46 -10.29 -8.64
N ASN A 270 11.35 -11.10 -9.69
CA ASN A 270 12.17 -12.31 -9.80
C ASN A 270 13.64 -11.99 -10.01
N ALA A 271 13.92 -10.72 -10.31
CA ALA A 271 15.27 -10.23 -10.55
C ALA A 271 15.86 -9.56 -9.31
N LEU A 272 15.01 -9.24 -8.34
CA LEU A 272 15.45 -8.60 -7.11
C LEU A 272 16.42 -9.47 -6.33
N LYS A 273 17.52 -8.88 -5.90
CA LYS A 273 18.51 -9.63 -5.14
C LYS A 273 18.17 -9.67 -3.65
N ILE A 274 18.40 -10.84 -3.05
CA ILE A 274 18.18 -11.05 -1.62
C ILE A 274 19.58 -11.05 -0.98
N TYR A 275 19.75 -10.27 0.08
CA TYR A 275 21.05 -10.12 0.74
C TYR A 275 21.36 -11.08 1.88
N ASP A 276 22.65 -11.19 2.19
CA ASP A 276 23.12 -12.02 3.30
C ASP A 276 23.52 -11.06 4.42
N GLU A 277 24.02 -11.56 5.54
CA GLU A 277 24.41 -10.69 6.65
C GLU A 277 25.32 -9.53 6.26
N ALA A 278 26.42 -9.82 5.57
CA ALA A 278 27.38 -8.81 5.14
C ALA A 278 26.77 -7.73 4.24
N GLU A 279 25.88 -8.15 3.35
CA GLU A 279 25.23 -7.25 2.41
C GLU A 279 24.15 -6.39 3.07
N VAL A 280 23.47 -6.93 4.06
CA VAL A 280 22.43 -6.16 4.76
C VAL A 280 23.12 -4.97 5.41
N ASN A 281 24.23 -5.24 6.09
CA ASN A 281 25.03 -4.21 6.74
C ASN A 281 25.56 -3.19 5.72
N LYS A 282 25.74 -3.63 4.48
CA LYS A 282 26.26 -2.78 3.41
C LYS A 282 25.21 -1.89 2.74
N TYR A 283 24.06 -2.48 2.44
CA TYR A 283 23.00 -1.78 1.74
C TYR A 283 21.79 -1.33 2.54
N PHE A 284 21.79 -1.56 3.85
CA PHE A 284 20.65 -1.18 4.69
C PHE A 284 21.00 -0.49 5.99
N VAL A 285 20.10 0.37 6.45
CA VAL A 285 20.29 1.12 7.68
C VAL A 285 19.00 1.02 8.49
N ARG A 286 19.12 0.64 9.75
CA ARG A 286 17.97 0.54 10.64
C ARG A 286 18.19 1.53 11.76
N ALA A 287 17.14 2.22 12.16
CA ALA A 287 17.27 3.23 13.20
C ALA A 287 16.04 3.36 14.08
N GLN A 288 16.24 4.01 15.22
CA GLN A 288 15.21 4.24 16.21
C GLN A 288 15.26 5.70 16.64
N TYR A 289 14.12 6.37 16.65
CA TYR A 289 14.10 7.78 17.02
C TYR A 289 14.35 8.09 18.48
N GLY A 290 15.23 9.05 18.70
CA GLY A 290 15.56 9.49 20.04
C GLY A 290 14.74 10.75 20.29
N ALA A 291 15.19 11.59 21.22
CA ALA A 291 14.48 12.82 21.52
C ALA A 291 14.71 13.83 20.40
N GLY A 292 13.78 14.77 20.26
CA GLY A 292 13.92 15.81 19.25
C GLY A 292 14.58 17.00 19.93
N ASP A 293 13.93 18.14 19.88
CA ASP A 293 14.44 19.34 20.53
C ASP A 293 13.42 19.61 21.63
N SER A 294 12.15 19.42 21.27
CA SER A 294 11.03 19.63 22.18
C SER A 294 10.87 18.41 23.08
N ALA A 295 10.50 18.65 24.33
CA ALA A 295 10.29 17.58 25.30
C ALA A 295 9.18 16.65 24.80
N ASP A 296 8.21 17.23 24.11
CA ASP A 296 7.05 16.51 23.55
C ASP A 296 7.50 15.35 22.66
N PHE A 297 8.68 15.48 22.07
CA PHE A 297 9.25 14.44 21.21
C PHE A 297 10.17 13.56 22.03
N LYS A 298 9.59 12.63 22.79
CA LYS A 298 10.39 11.73 23.61
C LYS A 298 10.92 10.56 22.79
N PRO A 299 12.03 9.95 23.22
CA PRO A 299 12.62 8.82 22.49
C PRO A 299 11.60 7.68 22.34
N TYR A 300 11.90 6.75 21.44
CA TYR A 300 11.03 5.60 21.22
C TYR A 300 10.94 4.79 22.50
N LEU A 301 12.07 4.62 23.17
CA LEU A 301 12.16 3.87 24.42
C LEU A 301 11.27 4.36 25.57
N GLU A 302 10.66 5.53 25.42
CA GLU A 302 9.80 6.07 26.47
C GLU A 302 8.35 6.12 26.04
N GLU A 303 8.04 5.49 24.91
CA GLU A 303 6.68 5.46 24.42
C GLU A 303 5.92 4.38 25.18
N LEU A 304 4.60 4.53 25.26
CA LEU A 304 3.75 3.59 25.96
C LEU A 304 3.90 2.19 25.35
N ASP A 305 4.09 1.20 26.22
CA ASP A 305 4.22 -0.21 25.84
C ASP A 305 5.51 -0.60 25.11
N VAL A 306 6.52 0.26 25.16
CA VAL A 306 7.79 -0.05 24.50
C VAL A 306 8.81 -0.55 25.54
N PRO A 307 9.34 -1.77 25.33
CA PRO A 307 10.33 -2.32 26.28
C PRO A 307 11.56 -1.41 26.36
N ALA A 308 11.96 -1.08 27.58
CA ALA A 308 13.12 -0.21 27.81
C ALA A 308 14.43 -0.62 27.14
N ASP A 309 14.46 -1.82 26.55
CA ASP A 309 15.67 -2.30 25.90
C ASP A 309 15.41 -2.67 24.44
N SER A 310 14.30 -2.18 23.92
CA SER A 310 13.91 -2.46 22.54
C SER A 310 14.97 -2.00 21.54
N LYS A 311 15.20 -2.85 20.55
CA LYS A 311 16.14 -2.57 19.46
C LYS A 311 15.30 -2.54 18.19
N ASN A 312 14.02 -2.19 18.35
CA ASN A 312 13.11 -2.13 17.21
C ASN A 312 13.43 -0.95 16.31
N ASN A 313 13.12 -1.09 15.02
CA ASN A 313 13.40 -0.04 14.05
C ASN A 313 12.20 0.82 13.70
N THR A 314 12.33 2.13 13.97
CA THR A 314 11.26 3.07 13.67
C THR A 314 11.58 3.77 12.35
N PHE A 315 12.70 3.38 11.76
CA PHE A 315 13.17 3.95 10.51
C PHE A 315 14.01 2.91 9.79
N ILE A 316 13.82 2.79 8.48
CA ILE A 316 14.60 1.89 7.64
C ILE A 316 14.99 2.62 6.37
N ALA A 317 16.19 2.34 5.87
CA ALA A 317 16.69 2.94 4.63
C ALA A 317 17.51 1.85 3.94
N GLY A 318 17.34 1.68 2.63
CA GLY A 318 18.11 0.66 1.95
C GLY A 318 18.16 0.74 0.45
N GLU A 319 19.12 0.00 -0.10
CA GLU A 319 19.38 -0.05 -1.54
C GLU A 319 18.96 -1.37 -2.16
N LEU A 320 18.01 -1.33 -3.10
CA LEU A 320 17.53 -2.51 -3.80
C LEU A 320 18.28 -2.63 -5.14
N GLN A 321 18.50 -3.86 -5.58
CA GLN A 321 19.20 -4.13 -6.83
C GLN A 321 18.41 -5.12 -7.68
N PHE A 322 18.12 -4.74 -8.92
CA PHE A 322 17.40 -5.59 -9.85
C PHE A 322 18.40 -6.09 -10.89
N ASP A 323 18.59 -7.40 -10.95
CA ASP A 323 19.51 -8.00 -11.92
C ASP A 323 18.86 -8.10 -13.30
N LEU A 324 18.09 -7.09 -13.67
CA LEU A 324 17.45 -7.06 -14.98
C LEU A 324 18.33 -6.25 -15.92
N PRO A 325 18.34 -6.62 -17.22
CA PRO A 325 19.16 -5.87 -18.17
C PRO A 325 18.90 -4.36 -18.09
N ARG A 326 17.63 -3.98 -18.05
CA ARG A 326 17.25 -2.56 -17.99
C ARG A 326 17.56 -1.81 -16.70
N TRP A 327 17.87 -2.52 -15.62
CA TRP A 327 18.16 -1.85 -14.34
C TRP A 327 19.55 -2.17 -13.87
N GLU A 328 20.33 -2.81 -14.72
CA GLU A 328 21.70 -3.19 -14.39
C GLU A 328 22.47 -2.01 -13.81
N GLY A 329 22.83 -2.12 -12.54
CA GLY A 329 23.60 -1.07 -11.89
C GLY A 329 22.85 0.16 -11.41
N VAL A 330 21.52 0.11 -11.43
CA VAL A 330 20.71 1.24 -10.98
C VAL A 330 20.21 1.00 -9.56
N PRO A 331 20.66 1.81 -8.58
CA PRO A 331 20.24 1.67 -7.19
C PRO A 331 18.79 2.13 -6.99
N PHE A 332 18.04 1.38 -6.19
CA PHE A 332 16.68 1.75 -5.86
C PHE A 332 16.71 1.99 -4.37
N TYR A 333 16.59 3.25 -3.99
CA TYR A 333 16.64 3.60 -2.59
C TYR A 333 15.25 3.70 -2.01
N VAL A 334 15.07 3.14 -0.82
CA VAL A 334 13.79 3.18 -0.14
C VAL A 334 14.05 3.61 1.31
N ARG A 335 13.12 4.39 1.87
CA ARG A 335 13.24 4.83 3.25
C ARG A 335 11.85 5.05 3.82
N SER A 336 11.68 4.73 5.10
CA SER A 336 10.41 4.90 5.75
C SER A 336 10.66 4.97 7.23
N GLY A 337 10.12 5.99 7.88
CA GLY A 337 10.33 6.13 9.30
C GLY A 337 9.31 7.02 9.97
N LYS A 338 9.32 7.01 11.28
CA LYS A 338 8.41 7.82 12.08
C LYS A 338 9.23 8.95 12.72
N ARG A 339 8.54 10.00 13.15
CA ARG A 339 9.19 11.15 13.75
C ARG A 339 10.22 11.79 12.84
N LEU A 340 9.84 11.97 11.58
CA LEU A 340 10.70 12.60 10.58
C LEU A 340 10.29 14.06 10.36
N ALA A 341 11.06 14.77 9.53
CA ALA A 341 10.81 16.19 9.23
C ALA A 341 9.43 16.54 8.68
N ALA A 342 8.91 15.71 7.79
CA ALA A 342 7.59 15.99 7.22
C ALA A 342 6.91 14.73 6.73
N LYS A 343 5.60 14.82 6.56
CA LYS A 343 4.80 13.74 6.05
C LYS A 343 5.02 13.83 4.54
N GLN A 344 5.46 12.74 3.93
CA GLN A 344 5.73 12.78 2.51
C GLN A 344 5.90 11.40 1.90
N THR A 345 5.05 11.08 0.94
CA THR A 345 5.12 9.82 0.22
C THR A 345 5.39 10.28 -1.22
N ARG A 346 6.62 10.10 -1.67
CA ARG A 346 7.01 10.53 -3.02
C ARG A 346 7.99 9.58 -3.67
N VAL A 347 8.11 9.71 -4.99
CA VAL A 347 9.03 8.92 -5.79
C VAL A 347 9.90 9.88 -6.60
N ASP A 348 11.22 9.70 -6.54
CA ASP A 348 12.17 10.55 -7.26
C ASP A 348 13.03 9.80 -8.28
N ILE A 349 12.79 10.05 -9.58
CA ILE A 349 13.56 9.42 -10.65
C ILE A 349 14.70 10.37 -11.01
N VAL A 350 15.92 10.05 -10.55
CA VAL A 350 17.08 10.87 -10.79
C VAL A 350 17.82 10.41 -12.05
N PHE A 351 17.77 11.23 -13.10
CA PHE A 351 18.43 10.92 -14.36
C PHE A 351 19.90 11.29 -14.32
N LYS A 352 20.70 10.59 -15.13
CA LYS A 352 22.14 10.85 -15.19
C LYS A 352 22.40 12.22 -15.80
N ALA A 353 23.46 12.86 -15.34
CA ALA A 353 23.86 14.16 -15.83
C ALA A 353 24.34 13.98 -17.27
N GLY A 354 24.04 14.94 -18.13
CA GLY A 354 24.49 14.88 -19.51
C GLY A 354 26.00 15.05 -19.57
N THR A 355 26.63 14.53 -20.62
CA THR A 355 28.08 14.64 -20.76
C THR A 355 28.53 15.70 -21.78
N PHE A 356 27.59 16.49 -22.28
CA PHE A 356 27.94 17.54 -23.25
C PHE A 356 28.58 18.67 -22.48
N ASN A 357 29.72 19.15 -22.97
CA ASN A 357 30.43 20.24 -22.31
C ASN A 357 30.09 21.61 -22.91
N PHE A 358 29.61 22.52 -22.08
CA PHE A 358 29.25 23.87 -22.51
C PHE A 358 30.42 24.85 -22.29
N GLY A 359 31.38 24.44 -21.47
CA GLY A 359 32.53 25.28 -21.17
C GLY A 359 32.26 26.13 -19.94
N SER A 360 31.01 26.11 -19.47
CA SER A 360 30.57 26.88 -18.31
C SER A 360 31.20 26.42 -17.00
N GLU A 361 31.09 27.25 -15.95
CA GLU A 361 31.64 26.91 -14.64
C GLU A 361 30.79 25.84 -13.99
N GLN A 362 29.52 25.77 -14.41
CA GLN A 362 28.57 24.80 -13.91
C GLN A 362 28.05 23.99 -15.09
N GLU A 363 28.53 22.76 -15.19
CA GLU A 363 28.10 21.85 -16.24
C GLU A 363 26.74 21.25 -15.89
N ALA A 364 26.20 20.44 -16.79
CA ALA A 364 24.91 19.80 -16.61
C ALA A 364 24.87 18.92 -15.37
N GLN A 365 23.76 19.06 -14.63
CA GLN A 365 23.53 18.32 -13.41
C GLN A 365 22.39 17.31 -13.68
N GLU A 366 22.11 16.45 -12.71
CA GLU A 366 21.07 15.43 -12.84
C GLU A 366 19.65 15.98 -12.86
N ALA A 367 18.89 15.60 -13.88
CA ALA A 367 17.50 15.99 -13.99
C ALA A 367 16.75 15.08 -13.01
N VAL A 368 15.60 15.52 -12.51
CA VAL A 368 14.82 14.73 -11.55
C VAL A 368 13.32 14.79 -11.83
N LEU A 369 12.68 13.63 -11.94
CA LEU A 369 11.24 13.56 -12.13
C LEU A 369 10.73 13.15 -10.74
N SER A 370 9.95 14.03 -10.13
CA SER A 370 9.41 13.77 -8.80
C SER A 370 7.91 13.62 -8.82
N ILE A 371 7.40 12.53 -8.25
CA ILE A 371 5.97 12.28 -8.18
C ILE A 371 5.60 12.30 -6.70
N ILE A 372 4.92 13.37 -6.27
CA ILE A 372 4.52 13.50 -4.87
C ILE A 372 3.12 12.91 -4.71
N ILE A 373 2.99 11.92 -3.82
CA ILE A 373 1.71 11.23 -3.57
C ILE A 373 0.96 11.76 -2.34
N ASP A 374 1.67 11.93 -1.23
CA ASP A 374 1.10 12.46 0.01
C ASP A 374 2.02 13.62 0.39
N PRO A 375 1.47 14.69 1.00
CA PRO A 375 0.07 14.91 1.38
C PRO A 375 -0.82 15.28 0.20
N LYS A 376 -0.29 16.13 -0.67
CA LYS A 376 -1.03 16.60 -1.84
C LYS A 376 -0.33 16.14 -3.11
N GLY A 377 -1.12 15.63 -4.06
CA GLY A 377 -0.57 15.15 -5.31
C GLY A 377 0.08 16.25 -6.14
N ALA A 378 1.30 15.99 -6.59
CA ALA A 378 2.03 16.95 -7.38
C ALA A 378 3.06 16.24 -8.25
N ILE A 379 3.41 16.86 -9.38
CA ILE A 379 4.39 16.31 -10.30
C ILE A 379 5.39 17.44 -10.61
N GLU A 380 6.67 17.18 -10.38
CA GLU A 380 7.72 18.17 -10.61
C GLU A 380 8.85 17.61 -11.47
N LEU A 381 9.49 18.48 -12.23
CA LEU A 381 10.60 18.07 -13.10
C LEU A 381 11.73 19.07 -13.03
N LYS A 382 12.85 18.65 -12.46
CA LYS A 382 14.03 19.49 -12.33
C LYS A 382 14.80 19.35 -13.64
N LEU A 383 14.95 20.45 -14.35
CA LEU A 383 15.65 20.45 -15.64
C LEU A 383 16.86 21.36 -15.64
N ASN A 384 17.73 21.13 -16.63
CA ASN A 384 18.91 21.95 -16.82
C ASN A 384 18.53 23.05 -17.81
N ALA A 385 18.87 24.29 -17.46
CA ALA A 385 18.58 25.46 -18.29
C ALA A 385 19.75 26.46 -18.14
N LYS A 386 19.61 27.63 -18.73
CA LYS A 386 20.67 28.64 -18.64
C LYS A 386 20.40 29.61 -17.50
N SER A 387 21.44 29.89 -16.72
CA SER A 387 21.29 30.83 -15.61
C SER A 387 21.22 32.25 -16.14
N VAL A 388 20.61 33.15 -15.36
CA VAL A 388 20.51 34.54 -15.76
C VAL A 388 21.80 35.23 -15.35
N GLU A 389 22.84 34.98 -16.14
CA GLU A 389 24.17 35.54 -15.90
C GLU A 389 24.72 36.09 -17.22
N ASP A 390 25.84 36.81 -17.13
CA ASP A 390 26.46 37.38 -18.31
C ASP A 390 27.26 36.29 -19.03
N ALA A 391 28.03 35.53 -18.27
CA ALA A 391 28.80 34.44 -18.86
C ALA A 391 27.88 33.23 -18.95
N PHE A 392 27.89 32.56 -20.09
CA PHE A 392 27.04 31.38 -20.28
C PHE A 392 27.29 30.40 -19.14
N ASN A 393 26.22 29.88 -18.56
CA ASN A 393 26.30 28.92 -17.46
C ASN A 393 24.96 28.24 -17.31
N THR A 394 24.98 26.99 -16.84
CA THR A 394 23.74 26.25 -16.65
C THR A 394 23.27 26.28 -15.21
N ARG A 395 22.02 25.91 -15.01
CA ARG A 395 21.42 25.87 -13.68
C ARG A 395 20.18 25.01 -13.78
N THR A 396 19.77 24.40 -12.67
CA THR A 396 18.57 23.58 -12.65
C THR A 396 17.37 24.43 -12.27
N ILE A 397 16.25 24.16 -12.92
CA ILE A 397 15.00 24.88 -12.65
C ILE A 397 13.93 23.81 -12.39
N ASP A 398 12.91 24.16 -11.62
CA ASP A 398 11.87 23.19 -11.29
C ASP A 398 10.51 23.50 -11.90
N LEU A 399 10.06 22.63 -12.80
CA LEU A 399 8.76 22.76 -13.44
C LEU A 399 7.78 22.13 -12.46
N GLY A 400 6.58 22.69 -12.34
CA GLY A 400 5.65 22.12 -11.39
C GLY A 400 4.17 22.08 -11.71
N TRP A 401 3.52 21.05 -11.18
CA TRP A 401 2.09 20.82 -11.32
C TRP A 401 1.58 20.28 -9.99
N THR A 402 0.37 20.70 -9.63
CA THR A 402 -0.29 20.29 -8.39
C THR A 402 -1.75 20.02 -8.70
N VAL A 403 -2.34 19.10 -7.96
CA VAL A 403 -3.75 18.77 -8.15
C VAL A 403 -4.63 19.98 -7.80
N SER A 404 -5.69 20.17 -8.58
CA SER A 404 -6.62 21.25 -8.32
C SER A 404 -7.59 20.75 -7.25
N ASP A 405 -8.44 21.64 -6.74
CA ASP A 405 -9.41 21.27 -5.73
C ASP A 405 -10.47 20.35 -6.32
N GLU A 406 -10.71 20.51 -7.61
CA GLU A 406 -11.68 19.66 -8.30
C GLU A 406 -11.14 18.23 -8.30
N ASP A 407 -9.82 18.10 -8.51
CA ASP A 407 -9.17 16.80 -8.52
C ASP A 407 -9.16 16.24 -7.11
N LYS A 408 -8.65 17.02 -6.17
CA LYS A 408 -8.54 16.63 -4.77
C LYS A 408 -9.88 16.11 -4.21
N LYS A 409 -10.97 16.78 -4.56
CA LYS A 409 -12.29 16.40 -4.06
C LYS A 409 -12.99 15.25 -4.79
N ASN A 410 -12.63 15.02 -6.06
CA ASN A 410 -13.24 13.93 -6.83
C ASN A 410 -12.40 12.66 -6.77
N THR A 411 -11.28 12.72 -6.06
CA THR A 411 -10.39 11.58 -5.92
C THR A 411 -10.91 10.61 -4.87
N PRO A 412 -11.17 9.35 -5.28
CA PRO A 412 -11.68 8.34 -4.36
C PRO A 412 -10.65 7.89 -3.32
N GLU A 413 -11.11 7.63 -2.10
CA GLU A 413 -10.24 7.15 -1.04
C GLU A 413 -9.78 5.74 -1.39
N PRO A 414 -8.56 5.34 -0.95
CA PRO A 414 -8.02 4.01 -1.25
C PRO A 414 -9.04 2.86 -1.06
N TYR A 415 -9.69 2.81 0.10
CA TYR A 415 -10.67 1.74 0.37
C TYR A 415 -11.82 1.68 -0.64
N GLU A 416 -12.29 2.84 -1.09
CA GLU A 416 -13.37 2.91 -2.07
C GLU A 416 -12.84 2.35 -3.39
N ARG A 417 -11.58 2.64 -3.67
CA ARG A 417 -10.94 2.18 -4.91
C ARG A 417 -10.82 0.66 -4.86
N MET A 418 -10.12 0.15 -3.84
CA MET A 418 -9.91 -1.28 -3.65
C MET A 418 -11.20 -2.10 -3.75
N ILE A 419 -12.24 -1.68 -3.02
CA ILE A 419 -13.51 -2.40 -3.07
C ILE A 419 -14.06 -2.35 -4.50
N HIS A 420 -14.18 -1.14 -5.03
CA HIS A 420 -14.70 -0.92 -6.39
C HIS A 420 -13.95 -1.77 -7.42
N ASP A 421 -12.65 -1.89 -7.25
CA ASP A 421 -11.82 -2.68 -8.15
C ASP A 421 -12.15 -4.17 -7.99
N THR A 422 -12.24 -4.63 -6.75
CA THR A 422 -12.57 -6.02 -6.48
C THR A 422 -13.92 -6.39 -7.14
N MET A 423 -14.92 -5.53 -7.01
CA MET A 423 -16.22 -5.80 -7.63
C MET A 423 -16.12 -5.90 -9.14
N ASN A 424 -15.17 -5.15 -9.72
CA ASN A 424 -14.95 -5.14 -11.18
C ASN A 424 -14.05 -6.28 -11.62
N GLY A 425 -13.39 -6.91 -10.65
CA GLY A 425 -12.51 -8.03 -10.95
C GLY A 425 -11.22 -7.57 -11.58
N ASP A 426 -10.74 -6.42 -11.12
CA ASP A 426 -9.51 -5.85 -11.63
C ASP A 426 -8.39 -5.93 -10.60
N GLY A 427 -7.37 -6.74 -10.91
CA GLY A 427 -6.26 -6.89 -10.00
C GLY A 427 -5.04 -6.01 -10.25
N SER A 428 -5.17 -5.00 -11.11
CA SER A 428 -4.06 -4.10 -11.43
C SER A 428 -3.46 -3.46 -10.17
N ASN A 429 -4.33 -2.93 -9.32
CA ASN A 429 -3.89 -2.26 -8.11
C ASN A 429 -3.82 -3.16 -6.90
N PHE A 430 -3.39 -4.40 -7.12
CA PHE A 430 -3.26 -5.42 -6.07
C PHE A 430 -2.02 -6.27 -6.28
N ALA A 431 -1.34 -6.61 -5.19
CA ALA A 431 -0.15 -7.44 -5.27
C ALA A 431 -0.60 -8.88 -5.40
N ASP A 432 0.04 -9.66 -6.28
CA ASP A 432 -0.32 -11.06 -6.45
C ASP A 432 0.59 -11.89 -5.52
N TRP A 433 0.40 -13.20 -5.46
CA TRP A 433 1.22 -14.03 -4.59
C TRP A 433 2.72 -13.82 -4.84
N ASN A 434 3.12 -13.87 -6.12
CA ASN A 434 4.51 -13.72 -6.55
C ASN A 434 5.19 -12.47 -5.98
N GLY A 435 4.46 -11.36 -6.02
CA GLY A 435 5.01 -10.12 -5.51
C GLY A 435 5.21 -10.18 -4.01
N VAL A 436 4.17 -10.61 -3.30
CA VAL A 436 4.22 -10.72 -1.85
C VAL A 436 5.28 -11.71 -1.36
N SER A 437 5.38 -12.86 -2.00
CA SER A 437 6.38 -13.87 -1.61
C SER A 437 7.79 -13.31 -1.70
N ILE A 438 8.08 -12.64 -2.82
CA ILE A 438 9.40 -12.05 -3.02
C ILE A 438 9.62 -10.89 -2.05
N ALA A 439 8.59 -10.09 -1.83
CA ALA A 439 8.71 -8.99 -0.88
C ALA A 439 9.12 -9.56 0.47
N TRP A 440 8.47 -10.65 0.90
CA TRP A 440 8.79 -11.32 2.17
C TRP A 440 10.17 -11.95 2.17
N LYS A 441 10.51 -12.62 1.07
CA LYS A 441 11.82 -13.27 0.96
C LYS A 441 12.91 -12.22 1.17
N PHE A 442 12.70 -11.06 0.55
CA PHE A 442 13.63 -9.94 0.63
C PHE A 442 13.73 -9.39 2.05
N VAL A 443 12.57 -9.13 2.64
CA VAL A 443 12.51 -8.61 4.01
C VAL A 443 13.01 -9.60 5.06
N ASP A 444 12.75 -10.88 4.85
CA ASP A 444 13.19 -11.90 5.81
C ASP A 444 14.69 -11.95 5.98
N ALA A 445 15.43 -11.80 4.88
CA ALA A 445 16.90 -11.82 4.91
C ALA A 445 17.41 -10.71 5.81
N ILE A 446 16.72 -9.56 5.74
CA ILE A 446 17.08 -8.40 6.55
C ILE A 446 16.71 -8.64 8.02
N SER A 447 15.46 -9.06 8.26
CA SER A 447 14.97 -9.34 9.61
C SER A 447 15.87 -10.31 10.36
N ALA A 448 16.33 -11.35 9.67
CA ALA A 448 17.18 -12.36 10.27
C ALA A 448 18.42 -11.74 10.91
N VAL A 449 19.01 -10.77 10.22
CA VAL A 449 20.21 -10.09 10.73
C VAL A 449 19.88 -9.23 11.94
N TYR A 450 18.76 -8.51 11.88
CA TYR A 450 18.34 -7.66 12.99
C TYR A 450 17.99 -8.48 14.22
N THR A 451 17.18 -9.52 14.03
CA THR A 451 16.77 -10.43 15.10
C THR A 451 18.03 -10.97 15.76
N ALA A 452 19.02 -11.33 14.95
CA ALA A 452 20.30 -11.83 15.45
C ALA A 452 21.20 -10.71 15.94
N ASP A 453 20.74 -9.46 15.76
CA ASP A 453 21.46 -8.26 16.16
C ASP A 453 22.89 -8.18 15.60
N LYS A 454 23.05 -8.70 14.39
CA LYS A 454 24.35 -8.71 13.72
C LYS A 454 24.48 -7.53 12.76
N ALA A 455 23.76 -6.46 13.07
CA ALA A 455 23.75 -5.23 12.29
C ALA A 455 23.53 -4.09 13.28
N PRO A 456 24.06 -2.90 13.00
CA PRO A 456 23.92 -1.76 13.91
C PRO A 456 22.54 -1.11 13.92
N LEU A 457 22.21 -0.51 15.06
CA LEU A 457 20.95 0.18 15.22
C LEU A 457 21.34 1.64 15.36
N GLU A 458 21.11 2.41 14.31
CA GLU A 458 21.45 3.83 14.33
C GLU A 458 20.39 4.59 15.14
N THR A 459 20.60 5.88 15.31
CA THR A 459 19.67 6.70 16.06
C THR A 459 19.51 8.02 15.31
N TYR A 460 18.46 8.76 15.62
CA TYR A 460 18.23 10.03 14.98
C TYR A 460 17.38 10.97 15.82
N LYS A 461 17.63 12.27 15.67
CA LYS A 461 16.91 13.28 16.40
C LYS A 461 15.50 13.30 15.87
N SER A 462 14.53 13.21 16.78
CA SER A 462 13.13 13.22 16.40
C SER A 462 12.82 14.52 15.65
N GLY A 463 12.59 14.41 14.35
CA GLY A 463 12.30 15.58 13.54
C GLY A 463 13.25 15.76 12.37
N SER A 464 14.33 14.97 12.32
CA SER A 464 15.29 15.03 11.23
C SER A 464 14.74 14.15 10.11
N MET A 465 15.57 13.79 9.14
CA MET A 465 15.12 12.91 8.06
C MET A 465 15.72 11.52 8.23
N GLY A 466 16.37 11.29 9.37
CA GLY A 466 16.97 10.00 9.63
C GLY A 466 18.37 10.11 10.16
N PRO A 467 19.04 8.97 10.36
CA PRO A 467 20.41 8.97 10.85
C PRO A 467 21.31 9.39 9.70
N GLU A 468 22.49 9.89 10.03
CA GLU A 468 23.43 10.30 9.00
C GLU A 468 23.79 9.14 8.09
N ALA A 469 23.80 7.93 8.64
CA ALA A 469 24.13 6.73 7.87
C ALA A 469 23.21 6.60 6.65
N SER A 470 22.03 7.21 6.71
CA SER A 470 21.09 7.18 5.58
C SER A 470 21.69 7.95 4.40
N ASP A 471 22.35 9.07 4.72
CA ASP A 471 22.98 9.90 3.70
C ASP A 471 24.23 9.21 3.14
N LYS A 472 25.06 8.70 4.04
CA LYS A 472 26.28 8.02 3.64
C LYS A 472 25.97 6.80 2.77
N LEU A 473 24.77 6.23 2.94
CA LEU A 473 24.33 5.07 2.16
C LEU A 473 24.36 5.43 0.68
N LEU A 474 23.67 6.53 0.34
CA LEU A 474 23.60 7.02 -1.04
C LEU A 474 24.92 7.60 -1.55
N ALA A 475 25.58 8.42 -0.71
CA ALA A 475 26.86 9.05 -1.06
C ALA A 475 27.88 8.07 -1.65
N ALA A 476 27.88 6.84 -1.15
CA ALA A 476 28.79 5.79 -1.62
C ALA A 476 28.68 5.53 -3.13
N ASN A 477 27.50 5.75 -3.69
CA ASN A 477 27.26 5.56 -5.13
C ASN A 477 27.21 6.94 -5.78
N GLY A 478 27.50 7.98 -5.00
CA GLY A 478 27.49 9.33 -5.51
C GLY A 478 26.07 9.79 -5.78
N ASP A 479 25.22 9.64 -4.75
CA ASP A 479 23.82 10.04 -4.83
C ASP A 479 23.44 10.70 -3.53
N ALA A 480 22.30 11.38 -3.53
CA ALA A 480 21.81 12.06 -2.35
C ALA A 480 20.29 12.00 -2.41
N TRP A 481 19.65 12.20 -1.28
CA TRP A 481 18.19 12.18 -1.22
C TRP A 481 17.66 13.48 -1.79
N VAL A 482 16.76 13.38 -2.75
CA VAL A 482 16.17 14.55 -3.37
C VAL A 482 15.36 15.35 -2.34
N PHE A 483 14.46 14.68 -1.65
CA PHE A 483 13.64 15.33 -0.65
C PHE A 483 14.47 15.49 0.62
N LYS A 484 14.58 16.73 1.10
CA LYS A 484 15.36 17.02 2.29
C LYS A 484 14.49 17.36 3.50
N GLY A 485 13.19 17.54 3.27
CA GLY A 485 12.27 17.88 4.35
C GLY A 485 11.36 19.03 3.96
C1 BG6 B . -0.20 2.06 7.88
C2 BG6 B . 0.80 1.84 9.00
O1 BG6 B . -0.07 1.04 6.96
O5 BG6 B . 0.09 3.30 7.19
C3 BG6 B . 0.76 3.01 9.98
O2 BG6 B . 0.48 0.63 9.66
C4 BG6 B . 0.96 4.32 9.23
O3 BG6 B . 1.77 2.87 10.97
C5 BG6 B . -0.03 4.45 8.07
O4 BG6 B . 0.77 5.42 10.12
C6 BG6 B . 0.21 5.68 7.20
O6 BG6 B . -0.62 5.62 6.03
P BG6 B . -1.01 6.96 5.24
O1P BG6 B . -1.88 7.68 6.19
O2P BG6 B . -1.67 6.42 4.04
O3P BG6 B . 0.30 7.56 4.96
CA CA C . 28.01 0.94 -4.61
PA NDP D . -11.76 -4.30 15.90
O1A NDP D . -12.46 -4.00 17.16
O2A NDP D . -11.70 -3.15 14.97
O5B NDP D . -12.66 -5.39 15.16
C5B NDP D . -12.57 -6.79 15.41
C4B NDP D . -13.65 -7.50 14.61
O4B NDP D . -13.38 -8.93 14.61
C3B NDP D . -14.97 -7.33 15.34
O3B NDP D . -16.04 -7.09 14.43
C2B NDP D . -15.17 -8.66 16.00
O2B NDP D . -16.55 -8.96 16.13
C1B NDP D . -14.56 -9.60 15.00
N9A NDP D . -14.35 -10.96 15.56
C8A NDP D . -13.45 -11.35 16.50
N7A NDP D . -13.35 -12.65 16.67
C5A NDP D . -14.31 -13.14 15.84
C6A NDP D . -14.67 -14.45 15.65
N6A NDP D . -13.93 -15.39 16.31
N1A NDP D . -15.69 -14.65 14.77
C2A NDP D . -16.26 -13.61 14.16
N3A NDP D . -15.96 -12.33 14.24
C4A NDP D . -14.96 -12.15 15.14
O3 NDP D . -10.44 -4.95 16.10
P2B NDP D . -17.11 -9.15 17.61
O1X NDP D . -15.93 -9.32 18.48
O2X NDP D . -17.92 -10.38 17.54
O3X NDP D . -17.94 -7.95 17.89
#